data_4Z2S
#
_entry.id   4Z2S
#
_cell.length_a   100.025
_cell.length_b   100.025
_cell.length_c   63.783
_cell.angle_alpha   90.00
_cell.angle_beta   90.00
_cell.angle_gamma   90.00
#
_symmetry.space_group_name_H-M   'P 42 21 2'
#
loop_
_entity.id
_entity.type
_entity.pdbx_description
1 polymer 'Sclerotium Rolfsii lectin variant'
2 non-polymer 2-AMINO-2-HYDROXYMETHYL-PROPANE-1,3-DIOL
3 non-polymer 2-acetamido-2-deoxy-alpha-D-glucopyranose
4 non-polymer 2-acetamido-2-deoxy-beta-D-glucopyranose
5 non-polymer (4S)-2-METHYL-2,4-PENTANEDIOL
6 water water
#
_entity_poly.entity_id   1
_entity_poly.type   'polypeptide(L)'
_entity_poly.pdbx_seq_one_letter_code
;MVYKITVRVYQTNPDAFFHPVEKTVWKYANGGTWSITDDQHVLTMGGSGTSGTLRFHADNGESFTATFGVHNYKRWCDIV
TNLAADETGMVINQQYYSQKNREEARERQLSNYQVKNAKGRNFQIVYTEAEGNDLHANLIIG
;
_entity_poly.pdbx_strand_id   A,B
#
# COMPACT_ATOMS: atom_id res chain seq x y z
N MET A 1 -7.87 -22.00 -2.76
CA MET A 1 -6.99 -21.75 -3.94
C MET A 1 -6.70 -20.25 -4.02
N VAL A 2 -5.51 -19.93 -4.52
CA VAL A 2 -5.12 -18.56 -4.74
C VAL A 2 -6.05 -17.91 -5.78
N TYR A 3 -6.31 -16.62 -5.58
CA TYR A 3 -6.93 -15.77 -6.59
C TYR A 3 -5.94 -14.69 -6.97
N LYS A 4 -5.87 -14.38 -8.26
CA LYS A 4 -5.01 -13.34 -8.75
C LYS A 4 -5.86 -12.40 -9.57
N ILE A 5 -5.60 -11.10 -9.39
CA ILE A 5 -6.23 -10.04 -10.21
C ILE A 5 -5.11 -9.21 -10.82
N THR A 6 -5.06 -9.22 -12.15
CA THR A 6 -4.04 -8.50 -12.88
C THR A 6 -4.68 -7.26 -13.48
N VAL A 7 -4.15 -6.09 -13.13
CA VAL A 7 -4.77 -4.81 -13.48
C VAL A 7 -3.91 -4.01 -14.45
N ARG A 8 -4.53 -3.58 -15.55
CA ARG A 8 -3.90 -2.72 -16.54
C ARG A 8 -4.55 -1.36 -16.46
N VAL A 9 -3.74 -0.31 -16.37
CA VAL A 9 -4.21 1.04 -16.21
C VAL A 9 -4.13 1.77 -17.56
N TYR A 10 -5.27 2.29 -18.00
CA TYR A 10 -5.39 3.02 -19.26
C TYR A 10 -5.71 4.45 -18.90
N GLN A 11 -4.81 5.37 -19.23
CA GLN A 11 -5.09 6.79 -19.07
C GLN A 11 -5.34 7.33 -20.45
N THR A 12 -6.51 7.92 -20.62
CA THR A 12 -6.99 8.32 -21.92
C THR A 12 -6.98 9.83 -22.14
N ASN A 13 -6.85 10.61 -21.08
CA ASN A 13 -7.06 12.05 -21.13
C ASN A 13 -5.79 12.81 -20.74
N PRO A 14 -5.07 13.40 -21.73
CA PRO A 14 -3.91 14.23 -21.39
C PRO A 14 -4.12 15.47 -20.52
N ASP A 15 -5.34 15.86 -20.15
CA ASP A 15 -5.52 16.99 -19.21
C ASP A 15 -5.12 16.65 -17.74
N ALA A 16 -4.76 15.39 -17.48
CA ALA A 16 -4.20 14.96 -16.20
C ALA A 16 -3.28 13.75 -16.34
N PHE A 17 -2.46 13.53 -15.32
CA PHE A 17 -1.63 12.34 -15.27
C PHE A 17 -1.64 11.80 -13.85
N PHE A 18 -2.23 10.61 -13.71
CA PHE A 18 -2.34 9.92 -12.43
C PHE A 18 -1.20 8.95 -12.24
N HIS A 19 -0.77 8.80 -11.00
CA HIS A 19 0.15 7.74 -10.72
C HIS A 19 -0.19 7.08 -9.39
N PRO A 20 0.21 5.83 -9.24
CA PRO A 20 -0.15 5.10 -8.06
C PRO A 20 0.67 5.60 -6.88
N VAL A 21 0.00 5.83 -5.75
CA VAL A 21 0.65 6.38 -4.54
C VAL A 21 0.52 5.51 -3.29
N GLU A 22 -0.21 4.40 -3.42
CA GLU A 22 -0.48 3.52 -2.29
C GLU A 22 -1.05 2.21 -2.80
N LYS A 23 -0.62 1.08 -2.23
CA LYS A 23 -1.16 -0.23 -2.60
C LYS A 23 -1.28 -1.02 -1.33
N THR A 24 -2.51 -1.37 -0.97
CA THR A 24 -2.77 -2.03 0.31
C THR A 24 -3.37 -3.42 0.08
N VAL A 25 -3.20 -4.29 1.06
CA VAL A 25 -3.79 -5.62 1.00
C VAL A 25 -4.52 -5.89 2.31
N TRP A 26 -5.79 -6.26 2.18
CA TRP A 26 -6.61 -6.57 3.37
C TRP A 26 -6.23 -7.92 4.00
N LYS A 27 -6.46 -8.03 5.31
CA LYS A 27 -5.90 -9.07 6.14
C LYS A 27 -6.56 -10.43 6.06
N TYR A 28 -7.77 -10.51 5.49
CA TYR A 28 -8.48 -11.79 5.40
C TYR A 28 -7.85 -12.73 4.40
N ALA A 29 -8.22 -14.01 4.51
CA ALA A 29 -7.87 -15.04 3.55
C ALA A 29 -6.34 -15.20 3.38
N ASN A 30 -5.61 -15.05 4.48
CA ASN A 30 -4.14 -15.10 4.46
C ASN A 30 -3.48 -13.98 3.67
N GLY A 31 -4.20 -12.88 3.50
CA GLY A 31 -3.66 -11.68 2.87
C GLY A 31 -3.30 -11.89 1.40
N GLY A 32 -2.14 -11.39 1.03
CA GLY A 32 -1.74 -11.35 -0.35
C GLY A 32 -0.69 -10.30 -0.59
N THR A 33 -0.49 -9.98 -1.86
CA THR A 33 0.63 -9.16 -2.32
C THR A 33 0.20 -8.38 -3.54
N TRP A 34 0.69 -7.15 -3.63
CA TRP A 34 0.67 -6.38 -4.87
C TRP A 34 2.06 -6.41 -5.46
N SER A 35 2.19 -6.88 -6.70
CA SER A 35 3.43 -6.88 -7.43
CA SER A 35 3.46 -6.70 -7.38
C SER A 35 3.23 -6.21 -8.80
N ILE A 36 4.34 -6.06 -9.54
CA ILE A 36 4.29 -5.50 -10.89
C ILE A 36 4.95 -6.46 -11.84
N THR A 37 4.24 -6.76 -12.93
CA THR A 37 4.76 -7.55 -14.06
C THR A 37 4.42 -6.82 -15.33
N ASP A 38 5.43 -6.43 -16.11
CA ASP A 38 5.23 -5.73 -17.39
C ASP A 38 4.26 -4.55 -17.28
N ASP A 39 4.49 -3.69 -16.28
CA ASP A 39 3.68 -2.52 -15.98
C ASP A 39 2.24 -2.82 -15.53
N GLN A 40 1.90 -4.08 -15.24
CA GLN A 40 0.58 -4.46 -14.74
C GLN A 40 0.69 -4.63 -13.24
N HIS A 41 -0.34 -4.16 -12.53
CA HIS A 41 -0.44 -4.36 -11.08
C HIS A 41 -1.11 -5.71 -10.81
N VAL A 42 -0.39 -6.60 -10.14
CA VAL A 42 -0.88 -7.95 -9.89
C VAL A 42 -1.17 -8.11 -8.40
N LEU A 43 -2.43 -8.33 -8.07
CA LEU A 43 -2.86 -8.65 -6.70
C LEU A 43 -3.05 -10.16 -6.59
N THR A 44 -2.24 -10.79 -5.75
CA THR A 44 -2.30 -12.23 -5.52
C THR A 44 -2.78 -12.40 -4.11
N MET A 45 -3.85 -13.16 -3.92
CA MET A 45 -4.53 -13.30 -2.64
C MET A 45 -4.58 -14.76 -2.24
N GLY A 46 -4.52 -15.02 -0.94
CA GLY A 46 -4.39 -16.38 -0.45
C GLY A 46 -5.60 -17.27 -0.66
N GLY A 47 -6.75 -16.66 -0.91
CA GLY A 47 -7.98 -17.35 -1.22
C GLY A 47 -9.07 -16.33 -1.43
N SER A 48 -10.30 -16.79 -1.57
CA SER A 48 -11.45 -15.89 -1.64
C SER A 48 -11.67 -15.20 -0.30
N GLY A 49 -12.16 -13.96 -0.36
CA GLY A 49 -12.62 -13.20 0.81
C GLY A 49 -11.75 -12.04 1.24
N THR A 50 -10.81 -11.60 0.39
CA THR A 50 -10.03 -10.42 0.69
C THR A 50 -9.97 -9.52 -0.57
N SER A 51 -9.09 -8.54 -0.54
CA SER A 51 -9.06 -7.50 -1.56
C SER A 51 -7.81 -6.67 -1.35
N GLY A 52 -7.54 -5.81 -2.32
CA GLY A 52 -6.48 -4.84 -2.24
C GLY A 52 -6.92 -3.55 -2.92
N THR A 53 -6.35 -2.44 -2.46
CA THR A 53 -6.70 -1.12 -2.96
C THR A 53 -5.47 -0.41 -3.54
N LEU A 54 -5.66 0.14 -4.73
CA LEU A 54 -4.70 1.02 -5.35
C LEU A 54 -5.26 2.44 -5.22
N ARG A 55 -4.45 3.36 -4.70
CA ARG A 55 -4.81 4.78 -4.71
C ARG A 55 -3.94 5.47 -5.76
N PHE A 56 -4.58 6.34 -6.55
CA PHE A 56 -3.93 7.12 -7.59
C PHE A 56 -4.10 8.60 -7.31
N HIS A 57 -3.07 9.37 -7.64
CA HIS A 57 -3.06 10.80 -7.44
C HIS A 57 -2.60 11.49 -8.72
N ALA A 58 -3.25 12.58 -9.12
CA ALA A 58 -2.81 13.41 -10.23
C ALA A 58 -2.18 14.67 -9.67
N ASP A 59 -1.23 15.25 -10.39
CA ASP A 59 -0.55 16.43 -9.82
C ASP A 59 -1.48 17.66 -9.77
N ASN A 60 -2.58 17.61 -10.52
CA ASN A 60 -3.65 18.60 -10.40
C ASN A 60 -4.56 18.48 -9.16
N GLY A 61 -4.29 17.54 -8.25
CA GLY A 61 -5.07 17.39 -7.02
C GLY A 61 -6.11 16.27 -7.01
N GLU A 62 -6.49 15.76 -8.19
CA GLU A 62 -7.49 14.69 -8.24
C GLU A 62 -6.92 13.39 -7.69
N SER A 63 -7.78 12.58 -7.10
CA SER A 63 -7.36 11.26 -6.63
C SER A 63 -8.55 10.32 -6.57
N PHE A 64 -8.24 9.03 -6.53
CA PHE A 64 -9.27 8.05 -6.34
C PHE A 64 -8.64 6.77 -5.88
N THR A 65 -9.48 5.87 -5.39
CA THR A 65 -9.06 4.51 -5.11
C THR A 65 -9.77 3.53 -6.03
N ALA A 66 -9.07 2.47 -6.40
CA ALA A 66 -9.63 1.33 -7.13
C ALA A 66 -9.36 0.12 -6.29
N THR A 67 -10.42 -0.58 -5.90
CA THR A 67 -10.30 -1.75 -5.03
C THR A 67 -10.84 -2.96 -5.78
N PHE A 68 -10.12 -4.07 -5.64
CA PHE A 68 -10.34 -5.31 -6.38
C PHE A 68 -10.30 -6.43 -5.39
N GLY A 69 -11.21 -7.40 -5.52
CA GLY A 69 -11.20 -8.50 -4.54
C GLY A 69 -12.06 -9.63 -4.98
N VAL A 70 -12.17 -10.65 -4.13
CA VAL A 70 -12.99 -11.81 -4.42
C VAL A 70 -13.85 -12.06 -3.19
N HIS A 71 -15.16 -12.19 -3.41
CA HIS A 71 -16.11 -12.40 -2.35
C HIS A 71 -16.95 -13.60 -2.69
N ASN A 72 -16.93 -14.62 -1.84
CA ASN A 72 -17.58 -15.91 -2.13
C ASN A 72 -17.28 -16.39 -3.54
N TYR A 73 -15.99 -16.36 -3.85
CA TYR A 73 -15.43 -16.89 -5.10
C TYR A 73 -15.72 -16.06 -6.37
N LYS A 74 -16.36 -14.92 -6.23
CA LYS A 74 -16.70 -14.08 -7.38
C LYS A 74 -15.99 -12.75 -7.25
N ARG A 75 -15.48 -12.25 -8.36
CA ARG A 75 -14.74 -10.97 -8.30
C ARG A 75 -15.66 -9.83 -7.89
N TRP A 76 -15.07 -8.83 -7.28
CA TRP A 76 -15.74 -7.57 -7.07
C TRP A 76 -14.79 -6.43 -7.31
N CYS A 77 -15.35 -5.24 -7.42
CA CYS A 77 -14.58 -4.03 -7.55
C CYS A 77 -15.38 -2.83 -7.13
N ASP A 78 -14.65 -1.76 -6.82
CA ASP A 78 -15.25 -0.48 -6.48
C ASP A 78 -14.23 0.65 -6.62
N ILE A 79 -14.75 1.85 -6.88
CA ILE A 79 -13.94 3.06 -7.05
C ILE A 79 -14.51 4.09 -6.11
N VAL A 80 -13.64 4.75 -5.35
CA VAL A 80 -14.05 5.85 -4.51
C VAL A 80 -13.23 7.05 -4.96
N THR A 81 -13.92 8.17 -5.22
CA THR A 81 -13.34 9.42 -5.71
CA THR A 81 -13.20 9.39 -5.59
C THR A 81 -13.62 10.54 -4.67
N ASN A 82 -13.21 11.77 -4.98
CA ASN A 82 -13.45 12.94 -4.10
C ASN A 82 -12.91 12.71 -2.67
N LEU A 83 -11.74 12.07 -2.60
CA LEU A 83 -11.21 11.60 -1.31
C LEU A 83 -10.81 12.77 -0.42
N ALA A 84 -11.18 12.69 0.84
CA ALA A 84 -10.63 13.57 1.88
C ALA A 84 -9.13 13.31 2.09
N ALA A 85 -8.46 14.30 2.67
CA ALA A 85 -7.01 14.19 2.94
C ALA A 85 -6.69 13.06 3.92
N ASP A 86 -7.63 12.73 4.81
CA ASP A 86 -7.47 11.58 5.73
C ASP A 86 -8.10 10.25 5.25
N GLU A 87 -8.50 10.20 3.98
CA GLU A 87 -8.94 8.96 3.35
C GLU A 87 -7.81 8.41 2.51
N THR A 88 -6.83 7.80 3.17
CA THR A 88 -5.76 7.13 2.44
C THR A 88 -6.28 5.77 1.96
N GLY A 89 -5.52 5.10 1.11
CA GLY A 89 -5.87 3.80 0.58
C GLY A 89 -6.12 2.75 1.67
N MET A 90 -5.32 2.76 2.72
CA MET A 90 -5.53 1.79 3.81
C MET A 90 -6.83 2.05 4.55
N VAL A 91 -7.25 3.31 4.66
CA VAL A 91 -8.54 3.65 5.28
C VAL A 91 -9.71 3.10 4.44
N ILE A 92 -9.67 3.40 3.15
CA ILE A 92 -10.66 2.93 2.20
C ILE A 92 -10.75 1.40 2.17
N ASN A 93 -9.60 0.73 2.06
CA ASN A 93 -9.61 -0.73 1.93
C ASN A 93 -10.32 -1.39 3.12
N GLN A 94 -9.99 -0.93 4.32
CA GLN A 94 -10.61 -1.47 5.53
C GLN A 94 -12.13 -1.22 5.58
N GLN A 95 -12.58 -0.11 5.01
CA GLN A 95 -14.00 0.23 5.02
C GLN A 95 -14.89 -0.75 4.27
N TYR A 96 -14.32 -1.53 3.35
CA TYR A 96 -15.10 -2.58 2.67
C TYR A 96 -15.55 -3.73 3.60
N TYR A 97 -15.05 -3.71 4.84
CA TYR A 97 -15.39 -4.72 5.84
C TYR A 97 -15.91 -4.08 7.13
N SER A 98 -16.25 -2.80 7.08
CA SER A 98 -16.87 -2.11 8.23
C SER A 98 -18.00 -1.12 7.91
N GLN A 99 -17.91 -0.41 6.78
CA GLN A 99 -18.84 0.64 6.40
C GLN A 99 -19.89 0.12 5.43
N LYS A 100 -21.16 0.29 5.78
CA LYS A 100 -22.26 -0.37 5.08
C LYS A 100 -22.25 -0.17 3.56
N ASN A 101 -22.13 1.06 3.07
CA ASN A 101 -22.19 1.28 1.66
C ASN A 101 -21.04 0.59 0.91
N ARG A 102 -19.87 0.51 1.55
CA ARG A 102 -18.71 -0.16 0.95
C ARG A 102 -18.88 -1.67 0.96
N GLU A 103 -19.37 -2.20 2.09
CA GLU A 103 -19.63 -3.63 2.20
C GLU A 103 -20.65 -4.08 1.14
N GLU A 104 -21.70 -3.28 0.94
CA GLU A 104 -22.71 -3.56 -0.09
C GLU A 104 -22.11 -3.56 -1.49
N ALA A 105 -21.19 -2.63 -1.76
CA ALA A 105 -20.52 -2.59 -3.06
C ALA A 105 -19.73 -3.88 -3.30
N ARG A 106 -18.98 -4.30 -2.30
CA ARG A 106 -18.25 -5.57 -2.36
C ARG A 106 -19.21 -6.74 -2.63
N GLU A 107 -20.29 -6.78 -1.86
CA GLU A 107 -21.29 -7.85 -1.98
C GLU A 107 -21.96 -7.93 -3.34
N ARG A 108 -21.97 -6.84 -4.08
CA ARG A 108 -22.54 -6.83 -5.44
C ARG A 108 -21.74 -7.66 -6.44
N GLN A 109 -20.47 -7.96 -6.12
CA GLN A 109 -19.66 -8.86 -6.94
C GLN A 109 -19.63 -8.38 -8.39
N LEU A 110 -19.35 -7.08 -8.56
CA LEU A 110 -19.37 -6.48 -9.90
C LEU A 110 -18.18 -6.87 -10.76
N SER A 111 -18.48 -7.24 -12.02
CA SER A 111 -17.43 -7.44 -13.01
C SER A 111 -17.05 -6.11 -13.67
N ASN A 112 -17.82 -5.07 -13.41
CA ASN A 112 -17.53 -3.76 -13.94
C ASN A 112 -18.24 -2.68 -13.17
N TYR A 113 -17.56 -1.55 -13.02
CA TYR A 113 -18.06 -0.46 -12.23
C TYR A 113 -17.47 0.82 -12.76
N GLN A 114 -18.29 1.87 -12.83
CA GLN A 114 -17.76 3.21 -13.12
C GLN A 114 -18.46 4.29 -12.31
N VAL A 115 -17.73 5.38 -12.11
CA VAL A 115 -18.22 6.50 -11.32
C VAL A 115 -17.44 7.74 -11.77
N LYS A 116 -18.06 8.91 -11.65
CA LYS A 116 -17.37 10.17 -11.94
C LYS A 116 -17.07 10.89 -10.67
N ASN A 117 -15.99 11.66 -10.67
CA ASN A 117 -15.69 12.55 -9.56
C ASN A 117 -16.38 13.89 -9.74
N ALA A 118 -16.19 14.80 -8.78
CA ALA A 118 -16.85 16.11 -8.77
C ALA A 118 -16.51 16.97 -9.98
N LYS A 119 -15.34 16.76 -10.59
CA LYS A 119 -14.95 17.46 -11.83
C LYS A 119 -15.52 16.84 -13.10
N GLY A 120 -16.21 15.71 -13.00
CA GLY A 120 -16.81 15.05 -14.15
C GLY A 120 -15.91 14.03 -14.80
N ARG A 121 -14.77 13.69 -14.19
CA ARG A 121 -13.89 12.68 -14.80
C ARG A 121 -14.44 11.31 -14.51
N ASN A 122 -14.49 10.46 -15.53
CA ASN A 122 -14.96 9.09 -15.38
C ASN A 122 -13.82 8.18 -15.04
N PHE A 123 -14.11 7.19 -14.19
CA PHE A 123 -13.21 6.13 -13.81
C PHE A 123 -13.98 4.84 -13.95
N GLN A 124 -13.40 3.85 -14.62
CA GLN A 124 -14.07 2.56 -14.82
C GLN A 124 -13.13 1.38 -14.57
N ILE A 125 -13.67 0.34 -13.93
CA ILE A 125 -13.07 -0.99 -13.88
C ILE A 125 -13.91 -1.93 -14.74
N VAL A 126 -13.25 -2.69 -15.60
CA VAL A 126 -13.86 -3.73 -16.38
C VAL A 126 -13.00 -5.00 -16.32
N TYR A 127 -13.57 -6.07 -15.78
CA TYR A 127 -12.87 -7.34 -15.82
C TYR A 127 -13.02 -7.98 -17.18
N THR A 128 -11.90 -8.12 -17.89
CA THR A 128 -11.87 -8.78 -19.19
C THR A 128 -11.67 -10.29 -19.07
N GLU A 129 -11.16 -10.76 -17.94
CA GLU A 129 -11.24 -12.15 -17.54
C GLU A 129 -11.93 -12.09 -16.20
N ALA A 130 -13.19 -12.49 -16.17
CA ALA A 130 -14.11 -12.16 -15.09
C ALA A 130 -14.60 -13.38 -14.31
N GLU A 131 -14.07 -14.55 -14.60
CA GLU A 131 -14.44 -15.79 -13.91
C GLU A 131 -13.18 -16.59 -13.61
N GLY A 132 -13.27 -17.43 -12.60
CA GLY A 132 -12.17 -18.25 -12.18
C GLY A 132 -11.12 -17.55 -11.32
N ASN A 133 -9.95 -18.19 -11.24
CA ASN A 133 -8.90 -17.80 -10.30
C ASN A 133 -7.90 -16.81 -10.85
N ASP A 134 -7.88 -16.65 -12.15
CA ASP A 134 -6.91 -15.79 -12.80
C ASP A 134 -7.68 -14.66 -13.49
N LEU A 135 -7.93 -13.61 -12.73
CA LEU A 135 -8.79 -12.53 -13.14
C LEU A 135 -7.98 -11.36 -13.70
N HIS A 136 -8.50 -10.71 -14.73
CA HIS A 136 -7.79 -9.60 -15.36
C HIS A 136 -8.77 -8.45 -15.47
N ALA A 137 -8.36 -7.25 -15.08
CA ALA A 137 -9.19 -6.06 -15.17
C ALA A 137 -8.45 -4.90 -15.80
N ASN A 138 -9.19 -4.11 -16.57
CA ASN A 138 -8.77 -2.78 -17.00
C ASN A 138 -9.32 -1.71 -16.06
N LEU A 139 -8.43 -0.78 -15.70
CA LEU A 139 -8.79 0.40 -14.97
C LEU A 139 -8.61 1.51 -15.98
N ILE A 140 -9.72 2.12 -16.39
CA ILE A 140 -9.73 3.11 -17.47
C ILE A 140 -10.05 4.48 -16.89
N ILE A 141 -9.11 5.42 -17.02
CA ILE A 141 -9.26 6.75 -16.48
C ILE A 141 -9.65 7.64 -17.64
N GLY A 142 -10.74 8.38 -17.46
CA GLY A 142 -11.24 9.31 -18.45
C GLY A 142 -10.66 10.71 -18.30
N MET B 1 4.52 21.66 8.02
CA MET B 1 5.54 21.62 6.93
C MET B 1 5.62 20.20 6.38
N VAL B 2 5.77 20.05 5.06
CA VAL B 2 5.88 18.75 4.41
C VAL B 2 7.19 18.03 4.83
N TYR B 3 7.12 16.70 4.96
CA TYR B 3 8.28 15.87 5.19
C TYR B 3 8.38 14.82 4.10
N LYS B 4 9.60 14.54 3.67
CA LYS B 4 9.87 13.50 2.71
C LYS B 4 10.88 12.53 3.30
N ILE B 5 10.64 11.23 3.09
CA ILE B 5 11.62 10.20 3.40
C ILE B 5 11.90 9.39 2.15
N THR B 6 13.17 9.36 1.75
CA THR B 6 13.61 8.65 0.56
C THR B 6 14.37 7.41 0.99
N VAL B 7 13.92 6.24 0.52
CA VAL B 7 14.43 4.96 0.96
C VAL B 7 15.11 4.22 -0.17
N ARG B 8 16.38 3.87 0.07
CA ARG B 8 17.17 3.02 -0.81
C ARG B 8 17.25 1.63 -0.22
N VAL B 9 16.90 0.62 -1.00
CA VAL B 9 16.95 -0.75 -0.50
C VAL B 9 18.19 -1.48 -0.97
N TYR B 10 18.96 -2.01 -0.01
CA TYR B 10 20.16 -2.76 -0.26
C TYR B 10 19.90 -4.22 0.11
N GLN B 11 20.00 -5.13 -0.86
CA GLN B 11 19.98 -6.56 -0.58
C GLN B 11 21.37 -7.10 -0.67
N THR B 12 21.84 -7.67 0.42
CA THR B 12 23.22 -8.06 0.61
C THR B 12 23.45 -9.55 0.51
N ASN B 13 22.37 -10.33 0.50
CA ASN B 13 22.45 -11.76 0.67
C ASN B 13 21.72 -12.50 -0.46
N PRO B 14 22.49 -13.06 -1.42
CA PRO B 14 21.86 -13.80 -2.51
C PRO B 14 21.15 -15.11 -2.15
N ASP B 15 21.07 -15.51 -0.88
CA ASP B 15 20.23 -16.66 -0.56
C ASP B 15 18.73 -16.39 -0.63
N ALA B 16 18.35 -15.16 -0.92
CA ALA B 16 16.96 -14.80 -1.06
C ALA B 16 16.87 -13.54 -1.92
N PHE B 17 15.66 -13.25 -2.34
CA PHE B 17 15.39 -11.99 -3.04
C PHE B 17 14.02 -11.49 -2.59
N PHE B 18 14.01 -10.28 -2.04
CA PHE B 18 12.80 -9.66 -1.52
C PHE B 18 12.31 -8.64 -2.53
N HIS B 19 11.00 -8.46 -2.59
CA HIS B 19 10.44 -7.36 -3.36
C HIS B 19 9.27 -6.73 -2.58
N PRO B 20 8.99 -5.46 -2.85
CA PRO B 20 7.92 -4.77 -2.18
C PRO B 20 6.56 -5.31 -2.63
N VAL B 21 5.70 -5.58 -1.67
CA VAL B 21 4.38 -6.15 -1.96
C VAL B 21 3.24 -5.30 -1.43
N GLU B 22 3.56 -4.23 -0.73
CA GLU B 22 2.55 -3.35 -0.16
C GLU B 22 3.19 -2.04 0.28
N LYS B 23 2.46 -0.94 0.09
CA LYS B 23 2.97 0.38 0.41
C LYS B 23 1.79 1.18 0.90
N THR B 24 1.75 1.44 2.21
CA THR B 24 0.61 2.06 2.85
C THR B 24 0.96 3.40 3.43
N VAL B 25 -0.06 4.24 3.60
CA VAL B 25 0.14 5.59 4.16
C VAL B 25 -0.90 5.84 5.22
N TRP B 26 -0.46 6.21 6.41
CA TRP B 26 -1.37 6.48 7.52
C TRP B 26 -2.07 7.83 7.34
N LYS B 27 -3.28 7.91 7.90
CA LYS B 27 -4.21 9.00 7.62
C LYS B 27 -3.97 10.34 8.32
N TYR B 28 -3.12 10.38 9.35
CA TYR B 28 -2.83 11.63 10.04
C TYR B 28 -2.01 12.59 9.18
N ALA B 29 -2.06 13.86 9.57
CA ALA B 29 -1.20 14.91 9.01
C ALA B 29 -1.46 15.09 7.51
N ASN B 30 -2.73 14.93 7.12
CA ASN B 30 -3.18 14.99 5.73
C ASN B 30 -2.60 13.89 4.82
N GLY B 31 -2.17 12.79 5.42
CA GLY B 31 -1.76 11.63 4.67
C GLY B 31 -0.42 11.85 3.96
N GLY B 32 -0.35 11.36 2.74
CA GLY B 32 0.88 11.36 2.00
C GLY B 32 0.82 10.38 0.86
N THR B 33 1.97 10.13 0.26
CA THR B 33 2.07 9.31 -0.94
C THR B 33 3.37 8.53 -0.94
N TRP B 34 3.34 7.33 -1.52
CA TRP B 34 4.55 6.59 -1.85
C TRP B 34 4.72 6.70 -3.36
N SER B 35 5.90 7.13 -3.78
CA SER B 35 6.23 7.14 -5.17
C SER B 35 7.61 6.50 -5.36
N ILE B 36 8.04 6.44 -6.63
CA ILE B 36 9.31 5.84 -6.94
C ILE B 36 10.04 6.83 -7.84
N THR B 37 11.26 7.17 -7.45
CA THR B 37 12.21 7.95 -8.28
C THR B 37 13.54 7.24 -8.30
N ASP B 38 14.04 6.89 -9.49
CA ASP B 38 15.35 6.22 -9.62
C ASP B 38 15.56 4.99 -8.71
N ASP B 39 14.58 4.10 -8.66
CA ASP B 39 14.59 2.87 -7.85
C ASP B 39 14.52 3.14 -6.33
N GLN B 40 14.31 4.39 -5.93
CA GLN B 40 14.11 4.75 -4.52
C GLN B 40 12.64 4.93 -4.20
N HIS B 41 12.22 4.43 -3.03
CA HIS B 41 10.87 4.63 -2.53
C HIS B 41 10.78 5.93 -1.77
N VAL B 42 9.91 6.83 -2.20
CA VAL B 42 9.82 8.17 -1.64
C VAL B 42 8.45 8.32 -0.96
N LEU B 43 8.48 8.51 0.36
CA LEU B 43 7.29 8.79 1.14
C LEU B 43 7.22 10.28 1.37
N THR B 44 6.16 10.92 0.87
CA THR B 44 5.92 12.33 1.10
C THR B 44 4.71 12.44 2.00
N MET B 45 4.84 13.21 3.08
CA MET B 45 3.80 13.33 4.09
C MET B 45 3.46 14.80 4.31
N GLY B 46 2.18 15.03 4.64
CA GLY B 46 1.67 16.38 4.73
C GLY B 46 2.13 17.19 5.94
N GLY B 47 2.70 16.54 6.95
CA GLY B 47 3.13 17.19 8.17
C GLY B 47 3.75 16.13 9.04
N SER B 48 4.26 16.54 10.20
CA SER B 48 4.69 15.60 11.22
C SER B 48 3.49 14.81 11.78
N GLY B 49 3.73 13.56 12.15
CA GLY B 49 2.75 12.76 12.86
C GLY B 49 2.11 11.65 12.09
N THR B 50 2.61 11.38 10.88
CA THR B 50 2.14 10.22 10.13
C THR B 50 3.33 9.39 9.68
N SER B 51 3.07 8.43 8.81
CA SER B 51 4.06 7.41 8.47
C SER B 51 3.53 6.58 7.32
N GLY B 52 4.41 5.73 6.80
CA GLY B 52 4.02 4.79 5.76
C GLY B 52 4.80 3.50 5.94
N THR B 53 4.19 2.40 5.53
CA THR B 53 4.79 1.07 5.68
C THR B 53 5.04 0.45 4.34
N LEU B 54 6.26 -0.08 4.16
CA LEU B 54 6.61 -0.96 3.05
C LEU B 54 6.64 -2.37 3.57
N ARG B 55 5.93 -3.29 2.91
CA ARG B 55 6.06 -4.70 3.23
C ARG B 55 6.79 -5.36 2.07
N PHE B 56 7.75 -6.21 2.41
CA PHE B 56 8.56 -6.97 1.46
C PHE B 56 8.35 -8.45 1.70
N HIS B 57 8.46 -9.22 0.61
CA HIS B 57 8.22 -10.63 0.60
C HIS B 57 9.31 -11.26 -0.26
N ALA B 58 9.89 -12.36 0.22
CA ALA B 58 10.83 -13.17 -0.54
C ALA B 58 10.11 -14.40 -1.06
N ASP B 59 10.63 -14.98 -2.15
CA ASP B 59 9.92 -16.15 -2.73
C ASP B 59 10.02 -17.42 -1.86
N ASN B 60 10.95 -17.43 -0.90
CA ASN B 60 11.01 -18.48 0.10
C ASN B 60 10.01 -18.33 1.25
N GLY B 61 9.11 -17.34 1.21
CA GLY B 61 8.14 -17.10 2.27
C GLY B 61 8.49 -16.11 3.36
N GLU B 62 9.76 -15.69 3.45
CA GLU B 62 10.14 -14.67 4.43
C GLU B 62 9.51 -13.33 4.06
N SER B 63 9.29 -12.51 5.07
CA SER B 63 8.68 -11.19 4.89
C SER B 63 8.95 -10.28 6.06
N PHE B 64 8.77 -9.00 5.83
CA PHE B 64 8.92 -8.02 6.91
C PHE B 64 8.26 -6.74 6.49
N THR B 65 7.92 -5.92 7.48
CA THR B 65 7.52 -4.54 7.26
C THR B 65 8.60 -3.58 7.71
N ALA B 66 8.78 -2.52 6.94
CA ALA B 66 9.63 -1.43 7.30
C ALA B 66 8.75 -0.21 7.27
N THR B 67 8.66 0.45 8.42
CA THR B 67 7.82 1.64 8.55
C THR B 67 8.69 2.86 8.84
N PHE B 68 8.32 3.98 8.20
CA PHE B 68 9.07 5.22 8.23
C PHE B 68 8.09 6.35 8.49
N GLY B 69 8.45 7.31 9.31
CA GLY B 69 7.56 8.43 9.54
C GLY B 69 8.24 9.54 10.29
N VAL B 70 7.44 10.53 10.69
CA VAL B 70 7.92 11.65 11.47
C VAL B 70 7.00 11.75 12.69
N HIS B 71 7.64 11.76 13.85
CA HIS B 71 6.97 11.91 15.13
C HIS B 71 7.56 13.09 15.85
N ASN B 72 6.70 14.06 16.17
CA ASN B 72 7.18 15.23 16.88
C ASN B 72 8.36 15.85 16.18
N TYR B 73 8.25 15.95 14.85
CA TYR B 73 9.24 16.67 14.02
C TYR B 73 10.58 15.96 13.85
N LYS B 74 10.70 14.72 14.32
CA LYS B 74 11.89 13.91 14.08
C LYS B 74 11.53 12.60 13.41
N ARG B 75 12.44 12.07 12.63
CA ARG B 75 12.16 10.81 11.93
C ARG B 75 12.01 9.69 12.92
N TRP B 76 11.26 8.69 12.49
CA TRP B 76 11.20 7.41 13.20
C TRP B 76 11.18 6.28 12.21
N CYS B 77 11.49 5.10 12.71
CA CYS B 77 11.37 3.91 11.92
C CYS B 77 11.20 2.72 12.84
N ASP B 78 10.67 1.66 12.25
CA ASP B 78 10.56 0.38 12.94
C ASP B 78 10.44 -0.76 11.93
N ILE B 79 10.86 -1.94 12.35
CA ILE B 79 10.79 -3.13 11.51
C ILE B 79 10.00 -4.19 12.28
N VAL B 80 9.05 -4.82 11.59
CA VAL B 80 8.32 -5.95 12.14
C VAL B 80 8.44 -7.12 11.17
N THR B 81 8.87 -8.28 11.70
CA THR B 81 9.00 -9.47 10.89
C THR B 81 8.36 -10.64 11.62
N ASN B 82 8.60 -11.87 11.14
CA ASN B 82 7.77 -13.02 11.58
C ASN B 82 6.28 -12.72 11.49
N LEU B 83 5.89 -12.11 10.38
CA LEU B 83 4.50 -11.67 10.24
C LEU B 83 3.54 -12.87 10.17
N ALA B 84 2.46 -12.79 10.92
CA ALA B 84 1.33 -13.70 10.75
C ALA B 84 0.69 -13.48 9.36
N ALA B 85 -0.03 -14.49 8.89
CA ALA B 85 -0.74 -14.43 7.61
C ALA B 85 -1.77 -13.30 7.55
N ASP B 86 -2.35 -12.92 8.68
CA ASP B 86 -3.23 -11.74 8.74
C ASP B 86 -2.56 -10.41 9.15
N GLU B 87 -1.22 -10.34 9.14
CA GLU B 87 -0.54 -9.10 9.43
C GLU B 87 -0.01 -8.52 8.13
N THR B 88 -0.91 -7.89 7.40
CA THR B 88 -0.50 -7.18 6.21
C THR B 88 0.07 -5.80 6.58
N GLY B 89 0.66 -5.13 5.61
CA GLY B 89 1.26 -3.81 5.86
C GLY B 89 0.26 -2.82 6.44
N MET B 90 -0.95 -2.79 5.89
CA MET B 90 -1.96 -1.87 6.38
C MET B 90 -2.33 -2.17 7.84
N VAL B 91 -2.32 -3.44 8.23
CA VAL B 91 -2.55 -3.77 9.63
C VAL B 91 -1.41 -3.22 10.51
N ILE B 92 -0.18 -3.51 10.12
CA ILE B 92 0.99 -3.06 10.89
C ILE B 92 1.03 -1.54 11.01
N ASN B 93 0.81 -0.86 9.88
CA ASN B 93 0.90 0.58 9.87
C ASN B 93 -0.04 1.21 10.90
N GLN B 94 -1.29 0.73 10.94
CA GLN B 94 -2.29 1.29 11.86
C GLN B 94 -1.94 1.06 13.33
N GLN B 95 -1.29 -0.07 13.61
CA GLN B 95 -0.95 -0.44 14.97
C GLN B 95 0.02 0.54 15.62
N TYR B 96 0.79 1.28 14.82
CA TYR B 96 1.63 2.34 15.40
C TYR B 96 0.84 3.47 16.07
N TYR B 97 -0.47 3.52 15.86
CA TYR B 97 -1.34 4.53 16.45
C TYR B 97 -2.45 3.95 17.32
N SER B 98 -2.32 2.68 17.68
CA SER B 98 -3.32 2.01 18.51
C SER B 98 -2.72 1.02 19.53
N GLN B 99 -1.58 0.41 19.23
CA GLN B 99 -1.06 -0.69 20.03
C GLN B 99 0.18 -0.18 20.77
N LYS B 100 0.15 -0.27 22.11
CA LYS B 100 1.17 0.41 22.93
C LYS B 100 2.63 0.11 22.54
N ASN B 101 2.98 -1.15 22.33
CA ASN B 101 4.37 -1.47 21.99
C ASN B 101 4.81 -0.79 20.70
N ARG B 102 3.89 -0.73 19.75
CA ARG B 102 4.18 -0.07 18.46
C ARG B 102 4.25 1.43 18.61
N GLU B 103 3.34 2.00 19.40
CA GLU B 103 3.37 3.43 19.69
C GLU B 103 4.69 3.83 20.34
N GLU B 104 5.14 3.01 21.29
CA GLU B 104 6.42 3.28 21.98
C GLU B 104 7.60 3.20 21.03
N ALA B 105 7.60 2.23 20.12
CA ALA B 105 8.65 2.17 19.10
C ALA B 105 8.68 3.41 18.23
N ARG B 106 7.52 3.85 17.77
CA ARG B 106 7.42 5.09 17.00
C ARG B 106 7.95 6.28 17.81
N GLU B 107 7.53 6.41 19.06
CA GLU B 107 7.85 7.61 19.80
C GLU B 107 9.31 7.71 20.19
N ARG B 108 10.05 6.59 20.11
CA ARG B 108 11.51 6.64 20.26
C ARG B 108 12.25 7.42 19.18
N GLN B 109 11.62 7.67 18.04
CA GLN B 109 12.19 8.50 17.02
C GLN B 109 13.56 7.98 16.58
N LEU B 110 13.64 6.68 16.35
CA LEU B 110 14.91 6.08 15.99
C LEU B 110 15.32 6.48 14.59
N SER B 111 16.58 6.86 14.46
CA SER B 111 17.17 7.07 13.14
C SER B 111 17.90 5.82 12.65
N ASN B 112 17.95 4.80 13.47
CA ASN B 112 18.70 3.61 13.20
C ASN B 112 18.08 2.48 13.99
N TYR B 113 17.78 1.37 13.33
CA TYR B 113 17.18 0.21 14.01
C TYR B 113 17.44 -1.06 13.21
N GLN B 114 17.72 -2.15 13.91
CA GLN B 114 17.81 -3.44 13.27
C GLN B 114 17.21 -4.51 14.14
N VAL B 115 16.76 -5.57 13.49
CA VAL B 115 16.08 -6.69 14.13
C VAL B 115 16.19 -7.92 13.23
N LYS B 116 16.15 -9.10 13.82
CA LYS B 116 16.17 -10.35 13.08
C LYS B 116 14.83 -11.07 13.04
N ASN B 117 14.60 -11.85 12.00
CA ASN B 117 13.47 -12.76 11.99
C ASN B 117 13.88 -14.12 12.61
N ALA B 118 12.92 -15.03 12.72
CA ALA B 118 13.15 -16.31 13.38
C ALA B 118 14.14 -17.16 12.61
N LYS B 119 14.24 -16.97 11.29
CA LYS B 119 15.24 -17.67 10.48
C LYS B 119 16.66 -17.11 10.65
N GLY B 120 16.81 -16.00 11.37
CA GLY B 120 18.10 -15.41 11.65
C GLY B 120 18.54 -14.35 10.65
N ARG B 121 17.69 -13.97 9.71
CA ARG B 121 18.03 -12.87 8.77
C ARG B 121 17.88 -11.53 9.48
N ASN B 122 18.88 -10.67 9.31
CA ASN B 122 18.87 -9.33 9.86
C ASN B 122 18.26 -8.32 8.88
N PHE B 123 17.55 -7.33 9.42
CA PHE B 123 16.98 -6.24 8.65
C PHE B 123 17.33 -4.94 9.36
N GLN B 124 17.73 -3.92 8.62
CA GLN B 124 18.23 -2.69 9.22
C GLN B 124 17.74 -1.48 8.47
N ILE B 125 17.36 -0.45 9.22
CA ILE B 125 17.09 0.87 8.63
C ILE B 125 18.11 1.84 9.25
N VAL B 126 18.79 2.62 8.42
CA VAL B 126 19.65 3.69 8.92
C VAL B 126 19.41 4.94 8.09
N TYR B 127 19.03 6.02 8.77
CA TYR B 127 18.88 7.28 8.11
C TYR B 127 20.25 7.91 7.97
N THR B 128 20.66 8.12 6.74
CA THR B 128 21.93 8.78 6.44
C THR B 128 21.77 10.30 6.42
N GLU B 129 20.56 10.77 6.13
CA GLU B 129 20.18 12.12 6.43
C GLU B 129 19.03 11.99 7.39
N ALA B 130 19.36 12.21 8.67
CA ALA B 130 18.41 12.05 9.77
C ALA B 130 17.87 13.36 10.32
N GLU B 131 18.12 14.48 9.65
CA GLU B 131 17.67 15.79 10.11
C GLU B 131 16.86 16.51 9.06
N GLY B 132 15.97 17.37 9.54
CA GLY B 132 15.19 18.24 8.68
C GLY B 132 14.04 17.55 7.96
N ASN B 133 13.64 18.15 6.83
CA ASN B 133 12.41 17.74 6.15
C ASN B 133 12.61 16.86 4.95
N ASP B 134 13.86 16.67 4.56
CA ASP B 134 14.22 15.86 3.41
C ASP B 134 15.11 14.73 3.89
N LEU B 135 14.47 13.65 4.35
CA LEU B 135 15.15 12.60 5.08
C LEU B 135 15.52 11.46 4.15
N HIS B 136 16.64 10.81 4.43
CA HIS B 136 17.16 9.76 3.57
C HIS B 136 17.54 8.57 4.42
N ALA B 137 17.05 7.41 4.03
CA ALA B 137 17.33 6.17 4.76
C ALA B 137 17.69 5.03 3.84
N ASN B 138 18.60 4.20 4.34
CA ASN B 138 18.92 2.93 3.72
C ASN B 138 18.14 1.84 4.44
N LEU B 139 17.52 0.94 3.68
CA LEU B 139 16.96 -0.30 4.23
C LEU B 139 17.89 -1.39 3.77
N ILE B 140 18.55 -2.05 4.71
CA ILE B 140 19.59 -3.02 4.41
C ILE B 140 19.08 -4.38 4.83
N ILE B 141 18.96 -5.28 3.83
CA ILE B 141 18.50 -6.65 4.05
C ILE B 141 19.71 -7.58 4.16
N GLY B 142 19.73 -8.38 5.22
CA GLY B 142 20.82 -9.34 5.47
C GLY B 142 20.54 -10.68 4.83
#